data_7HEO
#
_entry.id   7HEO
#
_cell.length_a   88.856
_cell.length_b   88.856
_cell.length_c   39.516
_cell.angle_alpha   90.000
_cell.angle_beta   90.000
_cell.angle_gamma   90.000
#
_symmetry.space_group_name_H-M   'P 43'
#
loop_
_entity.id
_entity.type
_entity.pdbx_description
1 polymer 'Non-structural protein 3'
2 non-polymer 'trifluoroacetic acid'
3 non-polymer (2S)-3-(4-iodophenyl)-2-[(7H-pyrrolo[2,3-d]pyrimidin-4-yl)amino]propan-1-ol
4 non-polymer (2R)-3-(4-iodophenyl)-2-[(7H-pyrrolo[2,3-d]pyrimidin-4-yl)amino]propan-1-ol
5 non-polymer 'CHLORIDE ION'
6 water water
#
_entity_poly.entity_id   1
_entity_poly.type   'polypeptide(L)'
_entity_poly.pdbx_seq_one_letter_code
;SMVNSFSGYLKLTDNVYIKNADIVEEAKKVKPTVVVNAANVYLKHGGGVAGALNKATNNAMQVESDDYIATNGPLKVGGS
CVLSGHNLAKHCLHVVGPNVNKGEDIQLLKSAYENFNQHEVLLAPLLSAGIFGADPIHSLRVCVDTVRTNVYLAVFDKNL
YDKLVSSFL
;
_entity_poly.pdbx_strand_id   A,B
#
loop_
_chem_comp.id
_chem_comp.type
_chem_comp.name
_chem_comp.formula
A1A93 non-polymer (2R)-3-(4-iodophenyl)-2-[(7H-pyrrolo[2,3-d]pyrimidin-4-yl)amino]propan-1-ol 'C15 H15 I N4 O'
A1A94 non-polymer (2S)-3-(4-iodophenyl)-2-[(7H-pyrrolo[2,3-d]pyrimidin-4-yl)amino]propan-1-ol 'C15 H15 I N4 O'
CL non-polymer 'CHLORIDE ION' 'Cl -1'
TFA non-polymer 'trifluoroacetic acid' 'C2 H F3 O2'
#
# COMPACT_ATOMS: atom_id res chain seq x y z
N VAL A 3 12.46 -19.54 5.94
N VAL A 3 12.55 -19.62 6.01
CA VAL A 3 13.54 -19.03 6.77
CA VAL A 3 13.65 -19.07 6.80
C VAL A 3 14.22 -17.86 6.07
C VAL A 3 14.27 -17.88 6.10
N ASN A 4 14.48 -16.80 6.84
CA ASN A 4 15.16 -15.61 6.34
C ASN A 4 16.29 -15.23 7.31
N SER A 5 17.03 -14.18 6.97
N SER A 5 17.06 -14.22 6.92
CA SER A 5 18.23 -13.81 7.72
CA SER A 5 18.26 -13.83 7.66
C SER A 5 18.01 -12.69 8.73
C SER A 5 18.00 -12.74 8.69
N PHE A 6 16.76 -12.36 9.07
N PHE A 6 16.76 -12.29 8.85
CA PHE A 6 16.51 -11.38 10.12
CA PHE A 6 16.43 -11.36 9.92
C PHE A 6 16.76 -12.00 11.49
C PHE A 6 16.68 -12.02 11.27
N SER A 7 17.34 -11.22 12.40
N SER A 7 17.63 -11.50 12.02
CA SER A 7 17.83 -11.76 13.67
CA SER A 7 18.11 -12.14 13.24
C SER A 7 17.45 -10.86 14.84
C SER A 7 17.79 -11.26 14.44
N GLY A 8 17.08 -11.47 15.98
N GLY A 8 17.32 -11.89 15.52
CA GLY A 8 16.83 -10.74 17.20
CA GLY A 8 17.13 -11.19 16.77
C GLY A 8 15.49 -10.02 17.29
C GLY A 8 15.82 -10.46 16.92
N TYR A 9 14.53 -10.36 16.42
N TYR A 9 14.85 -10.67 16.04
CA TYR A 9 13.23 -9.72 16.45
CA TYR A 9 13.57 -9.98 16.14
C TYR A 9 12.31 -10.43 17.43
C TYR A 9 12.66 -10.64 17.16
N LEU A 10 11.46 -9.64 18.09
N LEU A 10 11.84 -9.81 17.80
CA LEU A 10 10.35 -10.17 18.85
CA LEU A 10 10.81 -10.26 18.73
C LEU A 10 9.17 -10.40 17.89
C LEU A 10 9.52 -10.46 17.91
N LYS A 11 8.45 -11.51 18.07
N LYS A 11 8.99 -11.67 17.94
CA LYS A 11 7.32 -11.86 17.22
CA LYS A 11 7.79 -11.98 17.19
C LYS A 11 6.06 -11.31 17.86
C LYS A 11 6.57 -11.35 17.87
N LEU A 12 5.36 -10.42 17.16
N LEU A 12 5.84 -10.52 17.14
CA LEU A 12 4.11 -9.87 17.68
CA LEU A 12 4.62 -9.91 17.68
C LEU A 12 2.89 -10.67 17.25
C LEU A 12 3.36 -10.66 17.28
N THR A 13 2.86 -11.09 15.98
N THR A 13 3.26 -11.05 16.01
CA THR A 13 1.74 -11.84 15.41
CA THR A 13 2.11 -11.77 15.50
C THR A 13 2.31 -12.86 14.44
C THR A 13 2.61 -12.83 14.53
N ASP A 14 1.41 -13.52 13.69
N ASP A 14 1.67 -13.49 13.87
CA ASP A 14 1.84 -14.49 12.69
CA ASP A 14 2.00 -14.44 12.82
C ASP A 14 2.84 -13.89 11.71
C ASP A 14 2.97 -13.84 11.82
N ASN A 15 2.74 -12.59 11.41
CA ASN A 15 3.50 -11.99 10.32
C ASN A 15 4.26 -10.71 10.66
N VAL A 16 4.17 -10.19 11.88
N VAL A 16 4.18 -10.22 11.89
CA VAL A 16 4.81 -8.95 12.26
CA VAL A 16 4.79 -8.95 12.28
C VAL A 16 5.85 -9.21 13.34
C VAL A 16 5.84 -9.21 13.36
N TYR A 17 7.05 -8.69 13.12
CA TYR A 17 8.21 -8.83 13.99
C TYR A 17 8.78 -7.44 14.26
N ILE A 18 9.36 -7.23 15.46
N ILE A 18 9.58 -7.32 15.34
CA ILE A 18 9.76 -5.89 15.89
CA ILE A 18 10.11 -6.03 15.75
C ILE A 18 11.08 -5.94 16.65
C ILE A 18 11.48 -6.18 16.41
N LYS A 19 11.89 -4.87 16.49
N LYS A 19 12.34 -5.18 16.21
CA LYS A 19 13.22 -4.83 17.08
CA LYS A 19 13.69 -5.17 16.76
C LYS A 19 13.62 -3.36 17.29
C LYS A 19 14.08 -3.72 17.03
N ASN A 20 14.40 -3.11 18.34
N ASN A 20 14.80 -3.49 18.13
CA ASN A 20 15.02 -1.79 18.56
CA ASN A 20 15.43 -2.20 18.34
C ASN A 20 16.31 -1.75 17.73
C ASN A 20 16.61 -2.12 17.40
N ALA A 21 16.28 -1.07 16.58
N ALA A 21 16.50 -1.27 16.40
CA ALA A 21 17.43 -1.12 15.67
CA ALA A 21 17.58 -1.09 15.45
C ALA A 21 17.44 0.09 14.74
C ALA A 21 17.27 0.13 14.61
N ASP A 22 18.64 0.37 14.19
N ASP A 22 18.32 0.86 14.28
CA ASP A 22 18.87 1.42 13.20
CA ASP A 22 18.25 1.81 13.20
C ASP A 22 18.67 0.81 11.81
C ASP A 22 17.99 1.05 11.91
N ILE A 23 17.64 1.27 11.09
N ILE A 23 16.92 1.41 11.19
CA ILE A 23 17.25 0.64 9.84
CA ILE A 23 16.60 0.72 9.94
C ILE A 23 18.36 0.70 8.80
C ILE A 23 17.77 0.76 8.97
N VAL A 24 19.19 1.75 8.85
N VAL A 24 18.56 1.83 9.02
CA VAL A 24 20.33 1.83 7.94
CA VAL A 24 19.75 1.91 8.15
C VAL A 24 21.28 0.67 8.20
C VAL A 24 20.74 0.83 8.51
N GLU A 25 21.66 0.47 9.47
N GLU A 25 20.94 0.58 9.81
CA GLU A 25 22.58 -0.62 9.80
CA GLU A 25 21.88 -0.46 10.23
C GLU A 25 21.94 -1.97 9.57
C GLU A 25 21.33 -1.85 9.93
N GLU A 26 20.65 -2.09 9.85
N GLU A 26 20.02 -2.06 10.13
CA GLU A 26 19.95 -3.35 9.60
CA GLU A 26 19.42 -3.33 9.72
C GLU A 26 19.95 -3.69 8.12
C GLU A 26 19.63 -3.59 8.24
N ALA A 27 19.63 -2.71 7.27
N ALA A 27 19.45 -2.56 7.41
CA ALA A 27 19.59 -2.97 5.83
CA ALA A 27 19.56 -2.74 5.96
C ALA A 27 20.97 -3.37 5.30
C ALA A 27 20.98 -3.12 5.56
N LYS A 28 22.02 -2.66 5.75
N LYS A 28 21.97 -2.41 6.10
CA LYS A 28 23.36 -3.00 5.31
CA LYS A 28 23.36 -2.67 5.71
C LYS A 28 23.73 -4.44 5.70
C LYS A 28 23.78 -4.10 6.04
N LYS A 29 23.27 -4.89 6.86
N LYS A 29 23.25 -4.67 7.12
CA LYS A 29 23.60 -6.24 7.32
CA LYS A 29 23.64 -6.03 7.51
C LYS A 29 22.79 -7.29 6.58
C LYS A 29 22.87 -7.09 6.75
N VAL A 30 21.46 -7.11 6.51
N VAL A 30 21.56 -6.91 6.59
CA VAL A 30 20.60 -8.11 5.92
CA VAL A 30 20.71 -7.96 6.04
C VAL A 30 20.59 -8.03 4.39
C VAL A 30 20.71 -7.94 4.51
N LYS A 31 20.75 -6.84 3.83
N LYS A 31 20.77 -6.75 3.91
CA LYS A 31 20.54 -6.59 2.41
CA LYS A 31 20.54 -6.57 2.48
C LYS A 31 19.19 -7.19 1.98
C LYS A 31 19.22 -7.24 2.08
N PRO A 32 18.10 -6.75 2.60
CA PRO A 32 16.81 -7.39 2.32
C PRO A 32 16.37 -7.13 0.89
N THR A 33 15.40 -7.93 0.44
N THR A 33 15.40 -7.92 0.44
CA THR A 33 14.82 -7.69 -0.87
CA THR A 33 14.82 -7.70 -0.87
C THR A 33 14.17 -6.32 -0.94
C THR A 33 14.16 -6.31 -0.94
N VAL A 34 13.48 -5.90 0.12
CA VAL A 34 12.77 -4.63 0.17
C VAL A 34 13.05 -3.94 1.49
N VAL A 35 13.57 -2.71 1.42
CA VAL A 35 13.55 -1.79 2.56
C VAL A 35 12.51 -0.71 2.27
N VAL A 36 11.71 -0.38 3.28
CA VAL A 36 10.72 0.68 3.17
C VAL A 36 11.32 2.00 3.64
N ASN A 37 11.14 3.04 2.82
CA ASN A 37 11.46 4.40 3.21
C ASN A 37 10.21 5.13 3.65
N ALA A 38 10.35 5.90 4.74
N ALA A 38 10.32 5.91 4.72
CA ALA A 38 9.34 6.85 5.19
CA ALA A 38 9.25 6.80 5.17
C ALA A 38 9.45 8.11 4.34
C ALA A 38 9.34 8.11 4.39
N ALA A 39 8.82 8.07 3.17
CA ALA A 39 8.96 9.12 2.18
C ALA A 39 7.91 10.21 2.35
N ASN A 40 8.15 11.34 1.65
N ASN A 40 8.19 11.38 1.78
CA ASN A 40 7.13 12.34 1.34
CA ASN A 40 7.18 12.41 1.60
C ASN A 40 6.83 12.32 -0.16
C ASN A 40 6.80 12.47 0.12
N VAL A 41 5.78 13.06 -0.54
N VAL A 41 5.75 13.22 -0.19
CA VAL A 41 5.28 12.98 -1.92
CA VAL A 41 5.19 13.20 -1.54
C VAL A 41 6.30 13.46 -2.94
C VAL A 41 6.20 13.68 -2.59
N TYR A 42 7.20 14.35 -2.53
N TYR A 42 7.22 14.43 -2.19
CA TYR A 42 8.23 14.89 -3.42
CA TYR A 42 8.19 14.98 -3.14
C TYR A 42 9.49 14.06 -3.41
C TYR A 42 9.47 14.16 -3.26
N LEU A 43 9.52 13.01 -2.59
CA LEU A 43 10.74 12.21 -2.43
C LEU A 43 11.96 13.07 -2.10
N LYS A 44 11.75 14.07 -1.24
N LYS A 44 11.75 14.06 -1.24
CA LYS A 44 12.85 14.89 -0.73
CA LYS A 44 12.82 14.89 -0.71
C LYS A 44 13.30 14.29 0.59
C LYS A 44 13.27 14.25 0.60
N HIS A 45 14.43 13.60 0.56
CA HIS A 45 14.88 12.76 1.68
C HIS A 45 15.79 13.55 2.61
N GLY A 46 15.17 14.44 3.39
N GLY A 46 15.16 14.40 3.43
CA GLY A 46 15.93 15.41 4.14
CA GLY A 46 15.93 15.34 4.24
C GLY A 46 16.24 15.04 5.57
C GLY A 46 16.41 14.85 5.58
N GLY A 47 15.33 14.32 6.22
N GLY A 47 15.59 14.06 6.28
CA GLY A 47 15.47 14.02 7.63
CA GLY A 47 15.87 13.67 7.64
C GLY A 47 14.73 12.74 7.97
C GLY A 47 15.07 12.45 8.05
N GLY A 48 14.80 12.36 9.25
N GLY A 48 15.17 12.09 9.33
CA GLY A 48 14.16 11.13 9.65
CA GLY A 48 14.50 10.89 9.79
C GLY A 48 14.80 9.93 8.97
C GLY A 48 14.97 9.68 9.02
N VAL A 49 14.01 8.86 8.86
N VAL A 49 14.03 8.77 8.76
CA VAL A 49 14.47 7.65 8.17
CA VAL A 49 14.33 7.55 8.00
C VAL A 49 14.96 8.00 6.76
C VAL A 49 14.89 7.92 6.63
N ALA A 50 14.20 8.82 6.04
N ALA A 50 14.22 8.83 5.92
CA ALA A 50 14.52 9.12 4.65
CA ALA A 50 14.60 9.11 4.55
C ALA A 50 15.89 9.78 4.52
C ALA A 50 15.97 9.77 4.47
N GLY A 51 16.16 10.77 5.36
N GLY A 51 16.20 10.78 5.30
CA GLY A 51 17.47 11.42 5.32
CA GLY A 51 17.50 11.43 5.30
C GLY A 51 18.59 10.45 5.63
C GLY A 51 18.62 10.47 5.65
N ALA A 52 18.35 9.55 6.60
CA ALA A 52 19.36 8.58 6.99
C ALA A 52 19.62 7.55 5.88
N LEU A 53 18.55 6.99 5.30
N LEU A 53 18.56 7.00 5.29
CA LEU A 53 18.73 6.05 4.20
CA LEU A 53 18.74 6.08 4.17
C LEU A 53 19.45 6.70 3.04
C LEU A 53 19.51 6.77 3.04
N ASN A 54 19.06 7.93 2.70
N ASN A 54 19.05 7.94 2.63
CA ASN A 54 19.67 8.58 1.56
CA ASN A 54 19.70 8.63 1.52
C ASN A 54 21.16 8.86 1.81
C ASN A 54 21.17 8.88 1.80
N LYS A 55 21.49 9.32 3.02
CA LYS A 55 22.89 9.56 3.37
C LYS A 55 23.71 8.29 3.20
N ALA A 56 23.16 7.15 3.59
CA ALA A 56 23.88 5.88 3.48
C ALA A 56 24.11 5.48 2.04
N THR A 57 23.29 5.97 1.10
CA THR A 57 23.51 5.74 -0.34
C THR A 57 24.40 6.80 -0.98
N ASN A 58 25.01 7.69 -0.18
CA ASN A 58 25.88 8.73 -0.74
C ASN A 58 25.09 9.64 -1.69
N ASN A 59 23.80 9.86 -1.41
CA ASN A 59 22.89 10.74 -2.16
C ASN A 59 22.40 10.10 -3.47
N ALA A 60 22.76 8.85 -3.76
CA ALA A 60 22.26 8.23 -4.99
C ALA A 60 20.75 8.05 -4.94
N MET A 61 20.18 7.77 -3.76
CA MET A 61 18.74 7.69 -3.64
C MET A 61 18.07 9.00 -4.05
N GLN A 62 18.62 10.13 -3.61
CA GLN A 62 18.04 11.42 -3.96
C GLN A 62 18.14 11.69 -5.46
N VAL A 63 19.29 11.39 -6.07
CA VAL A 63 19.46 11.60 -7.50
C VAL A 63 18.42 10.80 -8.29
N GLU A 64 18.25 9.52 -7.94
CA GLU A 64 17.26 8.67 -8.60
C GLU A 64 15.86 9.21 -8.37
N SER A 65 15.58 9.66 -7.13
CA SER A 65 14.26 10.17 -6.80
C SER A 65 13.92 11.44 -7.57
N ASP A 66 14.90 12.34 -7.76
CA ASP A 66 14.63 13.57 -8.48
C ASP A 66 14.25 13.27 -9.93
N ASP A 67 14.91 12.29 -10.54
CA ASP A 67 14.53 11.88 -11.88
C ASP A 67 13.13 11.27 -11.89
N TYR A 68 12.79 10.46 -10.89
CA TYR A 68 11.45 9.89 -10.80
C TYR A 68 10.38 10.99 -10.75
N ILE A 69 10.58 12.01 -9.90
CA ILE A 69 9.59 13.08 -9.76
C ILE A 69 9.51 13.91 -11.04
N ALA A 70 10.65 14.18 -11.66
CA ALA A 70 10.63 14.96 -12.90
C ALA A 70 9.81 14.27 -13.97
N THR A 71 9.81 12.93 -13.97
CA THR A 71 9.05 12.19 -14.97
C THR A 71 7.59 12.02 -14.58
N ASN A 72 7.32 11.71 -13.30
CA ASN A 72 6.02 11.21 -12.88
C ASN A 72 5.23 12.17 -12.00
N GLY A 73 5.84 13.21 -11.48
CA GLY A 73 5.19 14.07 -10.52
C GLY A 73 5.14 13.44 -9.14
N PRO A 74 4.59 14.18 -8.19
CA PRO A 74 4.58 13.72 -6.80
C PRO A 74 3.72 12.49 -6.58
N LEU A 75 4.08 11.73 -5.54
CA LEU A 75 3.23 10.65 -5.06
C LEU A 75 1.99 11.23 -4.38
N LYS A 76 1.05 10.34 -4.09
CA LYS A 76 -0.10 10.63 -3.25
C LYS A 76 0.24 10.32 -1.79
N VAL A 77 -0.31 11.09 -0.86
CA VAL A 77 -0.28 10.66 0.54
C VAL A 77 -1.05 9.34 0.64
N GLY A 78 -0.42 8.33 1.24
CA GLY A 78 -0.93 6.97 1.24
C GLY A 78 -0.39 6.11 0.14
N GLY A 79 0.33 6.69 -0.83
CA GLY A 79 0.84 5.97 -1.97
C GLY A 79 2.30 5.56 -1.82
N SER A 80 2.83 4.99 -2.91
CA SER A 80 4.19 4.45 -2.88
C SER A 80 4.74 4.35 -4.29
N CYS A 81 6.05 4.16 -4.36
CA CYS A 81 6.70 3.73 -5.60
C CYS A 81 7.87 2.85 -5.24
N VAL A 82 8.22 1.95 -6.17
CA VAL A 82 9.38 1.08 -6.02
C VAL A 82 10.55 1.65 -6.81
N LEU A 83 11.66 1.89 -6.13
CA LEU A 83 12.88 2.36 -6.75
C LEU A 83 14.02 1.45 -6.31
N SER A 84 15.25 1.77 -6.73
CA SER A 84 16.38 0.95 -6.36
C SER A 84 16.63 0.99 -4.85
N GLY A 85 17.13 -0.12 -4.32
CA GLY A 85 17.64 -0.15 -2.97
C GLY A 85 19.10 0.23 -2.83
N HIS A 86 19.77 0.52 -3.94
CA HIS A 86 21.17 0.98 -3.93
C HIS A 86 22.01 -0.03 -3.17
N ASN A 87 22.86 0.42 -2.26
CA ASN A 87 23.74 -0.46 -1.48
C ASN A 87 23.05 -1.03 -0.26
N LEU A 88 21.77 -0.78 -0.05
CA LEU A 88 21.08 -1.16 1.18
C LEU A 88 20.16 -2.36 1.04
N ALA A 89 19.63 -2.60 -0.16
CA ALA A 89 18.58 -3.59 -0.39
C ALA A 89 18.46 -3.75 -1.89
N LYS A 90 17.76 -4.79 -2.33
CA LYS A 90 17.48 -4.89 -3.76
C LYS A 90 16.62 -3.71 -4.21
N HIS A 91 15.50 -3.48 -3.50
CA HIS A 91 14.55 -2.44 -3.84
C HIS A 91 14.28 -1.59 -2.61
N CYS A 92 13.91 -0.34 -2.85
CA CYS A 92 13.36 0.53 -1.83
C CYS A 92 11.90 0.84 -2.18
N LEU A 93 10.99 0.49 -1.28
CA LEU A 93 9.60 0.88 -1.40
C LEU A 93 9.41 2.20 -0.65
N HIS A 94 9.27 3.29 -1.40
CA HIS A 94 9.05 4.61 -0.82
C HIS A 94 7.56 4.73 -0.53
N VAL A 95 7.18 4.82 0.75
CA VAL A 95 5.78 4.86 1.16
C VAL A 95 5.53 6.17 1.87
N VAL A 96 4.46 6.87 1.49
CA VAL A 96 4.10 8.16 2.09
C VAL A 96 2.99 7.94 3.10
N GLY A 97 3.33 7.95 4.39
N GLY A 97 3.33 7.97 4.39
CA GLY A 97 2.33 8.06 5.42
CA GLY A 97 2.34 8.05 5.42
C GLY A 97 1.90 9.50 5.58
C GLY A 97 1.95 9.49 5.68
N PRO A 98 0.74 9.72 6.20
CA PRO A 98 0.33 11.10 6.48
C PRO A 98 1.24 11.76 7.50
N ASN A 99 1.56 13.03 7.26
N ASN A 99 1.47 13.04 7.28
CA ASN A 99 2.42 13.81 8.16
CA ASN A 99 2.19 13.90 8.21
C ASN A 99 1.51 14.73 8.98
C ASN A 99 1.16 14.63 9.06
N VAL A 100 1.29 14.35 10.23
N VAL A 100 1.13 14.32 10.35
CA VAL A 100 0.43 15.13 11.12
CA VAL A 100 0.15 14.93 11.24
C VAL A 100 0.94 16.56 11.27
C VAL A 100 0.36 16.44 11.33
N ASN A 101 2.24 16.75 11.24
N ASN A 101 1.61 16.89 11.23
CA ASN A 101 2.76 18.12 11.33
CA ASN A 101 1.89 18.31 11.31
C ASN A 101 2.49 18.95 10.08
C ASN A 101 1.45 19.05 10.07
N LYS A 102 1.86 18.35 9.06
N LYS A 102 1.28 18.36 8.95
CA LYS A 102 1.33 19.08 7.92
CA LYS A 102 0.71 18.94 7.74
C LYS A 102 -0.19 19.11 7.89
C LYS A 102 -0.82 18.88 7.74
N GLY A 103 -0.86 18.53 8.89
N GLY A 103 -1.43 18.40 8.82
CA GLY A 103 -2.31 18.49 8.91
CA GLY A 103 -2.87 18.27 8.86
C GLY A 103 -2.93 17.42 8.07
C GLY A 103 -3.43 17.14 8.02
N GLU A 104 -2.22 16.35 7.76
N GLU A 104 -2.60 16.19 7.61
CA GLU A 104 -2.73 15.31 6.88
CA GLU A 104 -3.04 15.15 6.70
C GLU A 104 -3.54 14.27 7.65
C GLU A 104 -3.81 14.06 7.44
N ASP A 105 -4.50 13.65 6.94
N ASP A 105 -4.83 13.52 6.76
CA ASP A 105 -5.50 12.80 7.56
CA ASP A 105 -5.79 12.60 7.37
C ASP A 105 -4.88 11.50 8.04
C ASP A 105 -5.10 11.34 7.88
N ILE A 106 -4.90 11.27 9.35
N ILE A 106 -5.25 11.06 9.17
CA ILE A 106 -4.32 10.05 9.92
CA ILE A 106 -4.60 9.90 9.75
C ILE A 106 -4.99 8.80 9.38
C ILE A 106 -5.20 8.60 9.24
N GLN A 107 -6.23 8.90 8.91
N GLN A 107 -6.43 8.62 8.74
CA GLN A 107 -6.91 7.77 8.31
CA GLN A 107 -7.00 7.44 8.10
C GLN A 107 -6.14 7.21 7.11
C GLN A 107 -6.17 6.98 6.92
N LEU A 108 -5.31 8.02 6.46
N LEU A 108 -5.40 7.89 6.31
CA LEU A 108 -4.54 7.57 5.32
CA LEU A 108 -4.49 7.52 5.23
C LEU A 108 -3.41 6.63 5.71
C LEU A 108 -3.35 6.64 5.70
N LEU A 109 -3.15 6.47 7.01
CA LEU A 109 -2.11 5.55 7.46
C LEU A 109 -2.41 4.12 7.05
N LYS A 110 -3.69 3.71 7.10
CA LYS A 110 -4.02 2.36 6.67
C LYS A 110 -3.72 2.17 5.19
N SER A 111 -4.10 3.15 4.35
CA SER A 111 -3.79 3.08 2.93
C SER A 111 -2.28 2.96 2.70
N ALA A 112 -1.50 3.71 3.49
CA ALA A 112 -0.05 3.64 3.35
C ALA A 112 0.46 2.23 3.63
N TYR A 113 0.00 1.62 4.72
CA TYR A 113 0.45 0.27 5.04
C TYR A 113 -0.02 -0.77 4.02
N GLU A 114 -1.15 -0.53 3.33
CA GLU A 114 -1.60 -1.49 2.32
C GLU A 114 -0.56 -1.71 1.24
N ASN A 115 0.29 -0.72 0.98
CA ASN A 115 1.34 -0.91 -0.02
C ASN A 115 2.26 -2.07 0.34
N PHE A 116 2.44 -2.35 1.63
CA PHE A 116 3.34 -3.43 2.04
C PHE A 116 2.84 -4.78 1.54
N ASN A 117 1.53 -4.94 1.33
CA ASN A 117 0.99 -6.25 0.94
C ASN A 117 1.38 -6.67 -0.45
N GLN A 118 1.98 -5.78 -1.25
CA GLN A 118 2.47 -6.13 -2.57
C GLN A 118 3.86 -6.77 -2.54
N HIS A 119 4.41 -6.99 -1.34
CA HIS A 119 5.75 -7.55 -1.17
C HIS A 119 5.72 -8.62 -0.09
N GLU A 120 6.33 -9.77 -0.39
CA GLU A 120 6.22 -10.92 0.52
C GLU A 120 6.93 -10.70 1.84
N VAL A 121 8.06 -9.98 1.83
CA VAL A 121 8.87 -9.73 3.01
C VAL A 121 9.45 -8.33 2.91
N LEU A 122 9.40 -7.57 4.01
CA LEU A 122 9.92 -6.20 4.03
C LEU A 122 10.60 -5.89 5.36
N LEU A 123 11.66 -5.08 5.28
CA LEU A 123 12.22 -4.36 6.42
C LEU A 123 11.64 -2.96 6.40
N ALA A 124 11.12 -2.48 7.53
N ALA A 124 11.02 -2.53 7.49
CA ALA A 124 10.37 -1.23 7.50
CA ALA A 124 10.24 -1.31 7.45
C ALA A 124 10.40 -0.49 8.82
C ALA A 124 10.42 -0.50 8.73
N PRO A 125 10.26 0.84 8.78
N PRO A 125 10.16 0.81 8.66
CA PRO A 125 9.95 1.63 9.97
CA PRO A 125 10.07 1.63 9.87
C PRO A 125 8.45 1.72 10.19
C PRO A 125 8.61 1.73 10.26
N LEU A 126 8.09 2.22 11.38
N LEU A 126 8.32 2.35 11.40
CA LEU A 126 6.70 2.57 11.65
CA LEU A 126 6.94 2.62 11.78
C LEU A 126 6.32 3.83 10.87
C LEU A 126 6.45 3.86 11.01
N LEU A 127 5.34 3.70 9.98
N LEU A 127 5.53 3.67 10.07
CA LEU A 127 4.90 4.81 9.17
CA LEU A 127 5.13 4.77 9.21
C LEU A 127 4.26 5.89 10.02
C LEU A 127 4.42 5.86 10.00
N SER A 128 4.50 7.14 9.64
N SER A 128 4.64 7.10 9.60
CA SER A 128 3.96 8.33 10.28
CA SER A 128 4.06 8.33 10.15
C SER A 128 4.52 8.56 11.69
C SER A 128 4.54 8.65 11.57
N ALA A 129 5.43 7.73 12.18
N ALA A 129 5.40 7.84 12.16
CA ALA A 129 6.07 7.92 13.47
CA ALA A 129 5.96 8.15 13.47
C ALA A 129 7.23 8.91 13.34
C ALA A 129 7.13 9.13 13.32
N GLY A 130 7.99 9.09 14.42
N GLY A 130 7.67 9.54 14.46
CA GLY A 130 9.11 10.01 14.39
CA GLY A 130 8.79 10.46 14.44
C GLY A 130 8.66 11.40 13.98
C GLY A 130 8.38 11.80 13.87
N ILE A 131 9.41 12.01 13.06
N ILE A 131 9.20 12.34 12.96
CA ILE A 131 9.15 13.40 12.67
CA ILE A 131 8.99 13.67 12.44
C ILE A 131 7.86 13.58 11.89
C ILE A 131 7.69 13.82 11.68
N PHE A 132 7.18 12.49 11.50
N PHE A 132 7.04 12.71 11.31
CA PHE A 132 5.86 12.63 10.88
CA PHE A 132 5.73 12.78 10.66
C PHE A 132 4.74 12.85 11.89
C PHE A 132 4.58 13.07 11.63
N GLY A 133 5.02 12.75 13.20
N GLY A 133 4.81 12.98 12.94
CA GLY A 133 4.14 13.29 14.22
CA GLY A 133 3.89 13.53 13.93
C GLY A 133 2.93 12.46 14.61
C GLY A 133 2.99 12.53 14.63
N ALA A 134 2.80 11.23 14.16
N ALA A 134 2.80 11.33 14.07
CA ALA A 134 1.68 10.40 14.61
CA ALA A 134 1.82 10.42 14.64
C ALA A 134 2.06 9.62 15.86
C ALA A 134 2.41 9.62 15.81
N ASP A 135 1.05 9.05 16.50
N ASP A 135 1.51 9.05 16.61
CA ASP A 135 1.28 8.22 17.68
CA ASP A 135 1.91 8.26 17.76
C ASP A 135 1.85 6.89 17.23
C ASP A 135 2.39 6.88 17.31
N PRO A 136 3.06 6.52 17.67
N PRO A 136 3.62 6.49 17.63
CA PRO A 136 3.64 5.24 17.21
CA PRO A 136 4.14 5.20 17.15
C PRO A 136 2.88 4.02 17.68
C PRO A 136 3.34 4.00 17.62
N ILE A 137 2.26 4.06 18.87
N ILE A 137 2.69 4.09 18.79
CA ILE A 137 1.42 2.95 19.29
CA ILE A 137 1.87 2.97 19.27
C ILE A 137 0.29 2.73 18.28
C ILE A 137 0.71 2.73 18.32
N HIS A 138 -0.30 3.83 17.82
N HIS A 138 0.05 3.80 17.88
CA HIS A 138 -1.30 3.74 16.76
CA HIS A 138 -1.07 3.67 16.95
C HIS A 138 -0.69 3.18 15.47
C HIS A 138 -0.61 3.12 15.60
N SER A 139 0.51 3.65 15.09
CA SER A 139 1.08 3.15 13.85
C SER A 139 1.31 1.64 13.90
N LEU A 140 1.81 1.13 15.03
CA LEU A 140 2.02 -0.31 15.15
C LEU A 140 0.71 -1.07 15.06
N ARG A 141 -0.34 -0.54 15.71
CA ARG A 141 -1.65 -1.18 15.65
C ARG A 141 -2.16 -1.26 14.22
N VAL A 142 -2.08 -0.15 13.48
CA VAL A 142 -2.52 -0.15 12.09
C VAL A 142 -1.70 -1.13 11.27
N CYS A 143 -0.39 -1.17 11.50
CA CYS A 143 0.46 -2.11 10.79
C CYS A 143 -0.03 -3.54 10.98
N VAL A 144 -0.21 -3.94 12.25
CA VAL A 144 -0.60 -5.31 12.56
C VAL A 144 -1.96 -5.64 11.95
N ASP A 145 -2.87 -4.68 11.93
CA ASP A 145 -4.22 -4.89 11.44
C ASP A 145 -4.36 -4.70 9.93
N THR A 146 -3.30 -4.33 9.22
CA THR A 146 -3.37 -4.06 7.79
C THR A 146 -2.43 -4.93 6.97
N VAL A 147 -1.18 -5.06 7.42
CA VAL A 147 -0.17 -5.81 6.67
C VAL A 147 -0.38 -7.29 6.92
N ARG A 148 -0.45 -8.05 5.81
CA ARG A 148 -0.59 -9.50 5.86
C ARG A 148 0.68 -10.23 5.44
N THR A 149 1.59 -9.54 4.76
CA THR A 149 2.87 -10.10 4.39
C THR A 149 3.84 -9.97 5.57
N ASN A 150 5.04 -10.50 5.42
CA ASN A 150 5.96 -10.61 6.56
C ASN A 150 6.75 -9.32 6.70
N VAL A 151 6.55 -8.62 7.81
CA VAL A 151 7.15 -7.32 8.02
C VAL A 151 8.02 -7.34 9.27
N TYR A 152 9.26 -6.86 9.09
CA TYR A 152 10.26 -6.74 10.13
C TYR A 152 10.44 -5.26 10.42
N LEU A 153 9.92 -4.83 11.57
N LEU A 153 10.04 -4.83 11.61
CA LEU A 153 9.87 -3.43 11.97
CA LEU A 153 10.08 -3.42 11.95
C LEU A 153 11.09 -3.06 12.80
C LEU A 153 11.35 -3.11 12.73
N ALA A 154 11.75 -1.98 12.40
N ALA A 154 12.15 -2.20 12.19
CA ALA A 154 12.90 -1.45 13.12
CA ALA A 154 13.32 -1.67 12.87
C ALA A 154 12.50 -0.13 13.77
C ALA A 154 12.91 -0.38 13.57
N VAL A 155 12.59 -0.09 15.10
N VAL A 155 13.00 -0.37 14.90
CA VAL A 155 12.28 1.08 15.91
CA VAL A 155 12.63 0.78 15.71
CA VAL A 155 12.21 1.02 15.91
C VAL A 155 13.60 1.60 16.46
C VAL A 155 13.90 1.48 16.15
C VAL A 155 13.50 1.65 16.45
N PHE A 156 14.03 2.78 15.99
N PHE A 156 14.01 2.77 15.82
N PHE A 156 13.76 2.89 16.01
CA PHE A 156 15.34 3.31 16.37
CA PHE A 156 15.23 3.53 16.06
CA PHE A 156 15.03 3.54 16.31
C PHE A 156 15.42 3.60 17.87
C PHE A 156 15.55 3.63 17.54
C PHE A 156 15.18 3.88 17.79
N ASP A 157 14.35 4.11 18.45
N ASP A 157 14.60 4.15 18.32
N ASP A 157 14.08 4.27 18.44
CA ASP A 157 14.38 4.59 19.84
CA ASP A 157 14.84 4.50 19.71
CA ASP A 157 14.15 4.76 19.81
C ASP A 157 14.09 3.43 20.80
C ASP A 157 14.68 3.28 20.60
C ASP A 157 13.96 3.60 20.79
N LYS A 158 15.04 3.17 21.72
N LYS A 158 15.71 2.95 21.38
N LYS A 158 14.98 3.33 21.61
CA LYS A 158 14.91 2.03 22.63
CA LYS A 158 15.62 1.80 22.27
CA LYS A 158 14.94 2.20 22.53
C LYS A 158 13.74 2.22 23.59
C LYS A 158 14.51 2.00 23.30
C LYS A 158 13.80 2.36 23.54
N ASN A 159 13.57 3.44 24.12
N ASN A 159 14.40 3.21 23.85
N ASN A 159 13.64 3.55 24.10
CA ASN A 159 12.48 3.68 25.06
CA ASN A 159 13.32 3.47 24.81
CA ASN A 159 12.58 3.80 25.07
C ASN A 159 11.12 3.45 24.40
C ASN A 159 11.96 3.30 24.15
C ASN A 159 11.18 3.62 24.45
N LEU A 160 10.96 3.93 23.16
N LEU A 160 11.80 3.80 22.93
N LEU A 160 11.04 3.94 23.16
CA LEU A 160 9.69 3.74 22.45
CA LEU A 160 10.53 3.63 22.22
CA LEU A 160 9.78 3.76 22.47
C LEU A 160 9.45 2.27 22.15
C LEU A 160 10.24 2.15 21.96
N TYR A 161 10.49 1.58 21.71
N TYR A 161 11.26 1.40 21.56
CA TYR A 161 10.40 0.14 21.49
CA TYR A 161 11.10 -0.02 21.31
C TYR A 161 9.85 -0.57 22.72
C TYR A 161 10.56 -0.74 22.55
N ASP A 162 10.41 -0.29 23.89
N ASP A 162 11.17 -0.49 23.71
CA ASP A 162 9.95 -0.95 25.12
CA ASP A 162 10.73 -1.17 24.92
C ASP A 162 8.48 -0.65 25.38
C ASP A 162 9.27 -0.83 25.22
N LYS A 163 8.03 0.57 25.08
N LYS A 163 8.87 0.42 25.02
CA LYS A 163 6.65 0.96 25.30
CA LYS A 163 7.49 0.80 25.26
C LYS A 163 5.71 0.24 24.32
C LYS A 163 6.54 0.18 24.24
N LEU A 164 6.13 0.13 23.06
N LEU A 164 6.97 0.08 22.98
CA LEU A 164 5.31 -0.56 22.06
CA LEU A 164 6.14 -0.58 21.97
C LEU A 164 5.13 -2.02 22.42
C LEU A 164 5.89 -2.03 22.33
N VAL A 165 6.19 -2.68 22.88
N VAL A 165 6.93 -2.73 22.78
CA VAL A 165 6.10 -4.08 23.28
CA VAL A 165 6.77 -4.12 23.18
C VAL A 165 5.19 -4.21 24.50
C VAL A 165 5.87 -4.23 24.39
N SER A 166 5.47 -3.44 25.54
N SER A 166 6.13 -3.41 25.41
CA SER A 166 4.77 -3.62 26.82
CA SER A 166 5.44 -3.58 26.69
C SER A 166 3.29 -3.29 26.69
C SER A 166 3.95 -3.30 26.58
N SER A 167 2.94 -2.35 25.82
N SER A 167 3.53 -2.55 25.57
CA SER A 167 1.57 -1.97 25.59
CA SER A 167 2.13 -2.19 25.36
C SER A 167 0.95 -2.74 24.44
C SER A 167 1.68 -2.80 24.04
N PHE A 168 1.71 -3.62 23.78
N PHE A 168 1.25 -4.06 24.06
CA PHE A 168 1.16 -4.31 22.62
CA PHE A 168 0.75 -4.68 22.83
C PHE A 168 0.06 -5.26 23.05
C PHE A 168 -0.40 -5.67 23.02
N LEU A 169 -1.10 -5.14 22.40
N LEU A 169 -0.19 -6.73 23.79
CA LEU A 169 -2.23 -5.98 22.73
CA LEU A 169 -1.22 -7.77 23.94
C LEU A 169 -2.27 -7.16 21.79
C LEU A 169 -2.38 -7.27 24.78
N SER B 1 -18.18 21.51 -16.64
N SER B 1 -18.18 21.51 -16.60
CA SER B 1 -18.45 20.18 -17.21
CA SER B 1 -18.35 20.15 -17.15
C SER B 1 -18.86 19.20 -16.11
C SER B 1 -18.76 19.17 -16.06
N MET B 2 -19.44 18.09 -16.55
N MET B 2 -19.25 18.02 -16.49
CA MET B 2 -20.05 17.11 -15.67
CA MET B 2 -19.86 17.02 -15.62
C MET B 2 -19.19 15.86 -15.70
C MET B 2 -18.97 15.78 -15.62
N VAL B 3 -18.60 15.53 -14.55
N VAL B 3 -18.28 15.56 -14.51
CA VAL B 3 -17.79 14.33 -14.38
CA VAL B 3 -17.50 14.34 -14.31
C VAL B 3 -18.23 13.64 -13.10
C VAL B 3 -17.95 13.69 -13.01
N ASN B 4 -17.89 12.36 -12.99
CA ASN B 4 -18.28 11.56 -11.82
C ASN B 4 -19.74 11.77 -11.47
N SER B 5 -20.60 11.79 -12.49
CA SER B 5 -22.03 12.02 -12.30
C SER B 5 -22.74 10.67 -12.26
N PHE B 6 -22.55 9.97 -11.15
CA PHE B 6 -23.16 8.67 -10.94
C PHE B 6 -24.62 8.86 -10.56
N SER B 7 -25.50 8.06 -11.18
CA SER B 7 -26.94 8.19 -10.97
C SER B 7 -27.58 6.80 -10.89
N GLY B 8 -28.55 6.67 -9.98
CA GLY B 8 -29.32 5.45 -9.90
C GLY B 8 -28.64 4.31 -9.17
N TYR B 9 -27.65 4.61 -8.33
CA TYR B 9 -26.99 3.56 -7.58
C TYR B 9 -27.69 3.31 -6.26
N LEU B 10 -27.64 2.05 -5.83
CA LEU B 10 -28.14 1.63 -4.54
C LEU B 10 -26.99 1.63 -3.55
N LYS B 11 -27.20 2.27 -2.40
CA LYS B 11 -26.18 2.36 -1.38
C LYS B 11 -26.15 1.04 -0.59
N LEU B 12 -24.99 0.40 -0.54
CA LEU B 12 -24.79 -0.77 0.30
C LEU B 12 -24.14 -0.41 1.63
N THR B 13 -23.07 0.38 1.59
CA THR B 13 -22.43 0.94 2.76
C THR B 13 -22.18 2.42 2.49
N ASP B 14 -21.57 3.08 3.46
N ASP B 14 -21.56 3.09 3.45
CA ASP B 14 -21.31 4.51 3.30
CA ASP B 14 -21.32 4.52 3.31
C ASP B 14 -20.50 4.81 2.04
C ASP B 14 -20.40 4.86 2.15
N ASN B 15 -19.66 3.88 1.61
CA ASN B 15 -18.77 4.13 0.48
C ASN B 15 -18.91 3.15 -0.69
N VAL B 16 -19.79 2.16 -0.61
CA VAL B 16 -19.96 1.18 -1.69
C VAL B 16 -21.38 1.27 -2.23
N TYR B 17 -21.48 1.48 -3.54
CA TYR B 17 -22.74 1.65 -4.25
C TYR B 17 -22.79 0.66 -5.40
N ILE B 18 -24.00 0.29 -5.83
CA ILE B 18 -24.14 -0.75 -6.84
C ILE B 18 -25.29 -0.42 -7.78
N LYS B 19 -25.14 -0.82 -9.05
CA LYS B 19 -26.14 -0.55 -10.07
C LYS B 19 -26.14 -1.69 -11.08
N ASN B 20 -27.32 -2.03 -11.59
CA ASN B 20 -27.45 -2.97 -12.69
C ASN B 20 -27.21 -2.17 -13.97
N ALA B 21 -26.02 -2.34 -14.58
CA ALA B 21 -25.64 -1.52 -15.70
C ALA B 21 -24.48 -2.15 -16.46
N ASP B 22 -24.37 -1.76 -17.72
CA ASP B 22 -23.24 -2.08 -18.60
C ASP B 22 -22.14 -1.07 -18.31
N ILE B 23 -20.97 -1.54 -17.84
CA ILE B 23 -19.92 -0.64 -17.37
C ILE B 23 -19.41 0.29 -18.46
N VAL B 24 -19.42 -0.16 -19.72
CA VAL B 24 -19.02 0.71 -20.82
C VAL B 24 -20.01 1.85 -21.00
N GLU B 25 -21.31 1.51 -21.04
CA GLU B 25 -22.32 2.55 -21.17
C GLU B 25 -22.29 3.48 -19.96
N GLU B 26 -22.07 2.93 -18.78
CA GLU B 26 -21.96 3.75 -17.57
C GLU B 26 -20.79 4.71 -17.67
N ALA B 27 -19.63 4.20 -18.08
CA ALA B 27 -18.46 5.07 -18.19
C ALA B 27 -18.73 6.24 -19.14
N LYS B 28 -19.35 5.95 -20.28
CA LYS B 28 -19.60 7.02 -21.25
C LYS B 28 -20.57 8.05 -20.70
N LYS B 29 -21.51 7.63 -19.85
N LYS B 29 -21.51 7.63 -19.85
CA LYS B 29 -22.50 8.56 -19.30
CA LYS B 29 -22.49 8.55 -19.30
C LYS B 29 -22.00 9.27 -18.05
C LYS B 29 -21.99 9.28 -18.05
N VAL B 30 -21.32 8.56 -17.16
CA VAL B 30 -20.88 9.13 -15.88
C VAL B 30 -19.67 10.05 -16.03
N LYS B 31 -18.83 9.76 -17.01
CA LYS B 31 -17.56 10.45 -17.21
C LYS B 31 -16.68 10.37 -15.97
N PRO B 32 -16.34 9.16 -15.51
CA PRO B 32 -15.59 9.02 -14.26
C PRO B 32 -14.12 9.39 -14.42
N THR B 33 -13.53 9.87 -13.32
CA THR B 33 -12.08 10.04 -13.28
C THR B 33 -11.37 8.71 -13.48
N VAL B 34 -11.91 7.63 -12.91
CA VAL B 34 -11.26 6.32 -12.95
C VAL B 34 -12.30 5.26 -13.27
N VAL B 35 -12.03 4.46 -14.31
CA VAL B 35 -12.73 3.19 -14.52
C VAL B 35 -11.74 2.07 -14.25
N VAL B 36 -12.20 1.06 -13.52
CA VAL B 36 -11.38 -0.11 -13.22
C VAL B 36 -11.57 -1.16 -14.30
N ASN B 37 -10.46 -1.71 -14.78
CA ASN B 37 -10.47 -2.88 -15.65
C ASN B 37 -10.14 -4.14 -14.84
N ALA B 38 -10.87 -5.21 -15.15
CA ALA B 38 -10.60 -6.56 -14.65
C ALA B 38 -9.50 -7.16 -15.50
N ALA B 39 -8.26 -6.78 -15.18
CA ALA B 39 -7.08 -7.06 -15.99
C ALA B 39 -6.44 -8.38 -15.60
N ASN B 40 -5.54 -8.85 -16.46
CA ASN B 40 -4.59 -9.91 -16.16
C ASN B 40 -3.17 -9.35 -16.20
N VAL B 41 -2.20 -10.18 -15.78
CA VAL B 41 -0.85 -9.66 -15.52
C VAL B 41 -0.17 -9.15 -16.78
N TYR B 42 -0.53 -9.67 -17.95
CA TYR B 42 0.06 -9.21 -19.21
C TYR B 42 -0.83 -8.21 -19.94
N LEU B 43 -1.89 -7.74 -19.30
CA LEU B 43 -2.78 -6.73 -19.87
C LEU B 43 -3.25 -7.14 -21.27
N LYS B 44 -3.64 -8.41 -21.40
CA LYS B 44 -4.21 -8.93 -22.63
C LYS B 44 -5.73 -8.93 -22.47
N HIS B 45 -6.37 -7.98 -23.13
CA HIS B 45 -7.77 -7.65 -22.86
C HIS B 45 -8.68 -8.44 -23.78
N GLY B 46 -8.80 -9.73 -23.49
N GLY B 46 -8.77 -9.74 -23.51
CA GLY B 46 -9.48 -10.65 -24.38
CA GLY B 46 -9.51 -10.62 -24.39
C GLY B 46 -10.97 -10.84 -24.17
C GLY B 46 -11.01 -10.66 -24.14
N GLY B 47 -11.40 -11.06 -22.94
CA GLY B 47 -12.78 -11.41 -22.65
C GLY B 47 -13.39 -10.59 -21.53
N GLY B 48 -14.67 -10.85 -21.27
CA GLY B 48 -15.31 -10.21 -20.14
C GLY B 48 -15.18 -8.70 -20.17
N VAL B 49 -15.00 -8.11 -18.99
CA VAL B 49 -14.92 -6.67 -18.86
C VAL B 49 -13.78 -6.11 -19.70
N ALA B 50 -12.59 -6.72 -19.63
CA ALA B 50 -11.44 -6.17 -20.33
C ALA B 50 -11.67 -6.14 -21.84
N GLY B 51 -12.25 -7.22 -22.38
CA GLY B 51 -12.54 -7.22 -23.80
C GLY B 51 -13.52 -6.12 -24.18
N ALA B 52 -14.53 -5.90 -23.35
CA ALA B 52 -15.52 -4.88 -23.66
C ALA B 52 -14.92 -3.47 -23.56
N LEU B 53 -14.12 -3.20 -22.53
CA LEU B 53 -13.49 -1.88 -22.42
C LEU B 53 -12.57 -1.65 -23.61
N ASN B 54 -11.74 -2.64 -23.94
CA ASN B 54 -10.80 -2.45 -25.03
C ASN B 54 -11.54 -2.22 -26.36
N LYS B 55 -12.59 -3.01 -26.61
CA LYS B 55 -13.36 -2.80 -27.83
C LYS B 55 -13.93 -1.39 -27.91
N ALA B 56 -14.40 -0.86 -26.78
CA ALA B 56 -14.96 0.49 -26.80
C ALA B 56 -13.92 1.52 -27.18
N THR B 57 -12.64 1.25 -26.88
CA THR B 57 -11.55 2.15 -27.25
C THR B 57 -11.01 1.87 -28.66
N ASN B 58 -11.66 1.00 -29.41
CA ASN B 58 -11.20 0.65 -30.76
C ASN B 58 -9.76 0.14 -30.73
N ASN B 59 -9.43 -0.66 -29.70
CA ASN B 59 -8.15 -1.34 -29.52
C ASN B 59 -7.04 -0.40 -29.05
N ALA B 60 -7.32 0.89 -28.83
CA ALA B 60 -6.28 1.78 -28.34
C ALA B 60 -5.76 1.36 -26.97
N MET B 61 -6.65 0.83 -26.13
CA MET B 61 -6.22 0.34 -24.82
C MET B 61 -5.21 -0.80 -24.97
N GLN B 62 -5.45 -1.73 -25.90
CA GLN B 62 -4.52 -2.84 -26.06
C GLN B 62 -3.17 -2.38 -26.57
N VAL B 63 -3.14 -1.45 -27.53
CA VAL B 63 -1.87 -0.94 -28.05
C VAL B 63 -1.08 -0.28 -26.92
N GLU B 64 -1.75 0.56 -26.13
CA GLU B 64 -1.09 1.23 -25.02
C GLU B 64 -0.60 0.22 -23.99
N SER B 65 -1.40 -0.81 -23.73
CA SER B 65 -1.05 -1.84 -22.75
C SER B 65 0.17 -2.63 -23.19
N ASP B 66 0.24 -3.02 -24.47
CA ASP B 66 1.40 -3.76 -24.95
C ASP B 66 2.68 -2.94 -24.80
N ASP B 67 2.60 -1.63 -25.06
CA ASP B 67 3.76 -0.78 -24.85
C ASP B 67 4.14 -0.71 -23.38
N TYR B 68 3.15 -0.60 -22.48
CA TYR B 68 3.42 -0.62 -21.05
C TYR B 68 4.18 -1.89 -20.65
N ILE B 69 3.72 -3.04 -21.15
CA ILE B 69 4.35 -4.32 -20.81
C ILE B 69 5.77 -4.38 -21.35
N ALA B 70 6.00 -3.90 -22.57
CA ALA B 70 7.35 -3.91 -23.12
C ALA B 70 8.31 -3.14 -22.22
N THR B 71 7.84 -2.02 -21.65
CA THR B 71 8.71 -1.18 -20.83
C THR B 71 8.85 -1.70 -19.40
N ASN B 72 7.76 -2.26 -18.84
CA ASN B 72 7.67 -2.52 -17.42
C ASN B 72 7.57 -4.00 -17.03
N GLY B 73 7.25 -4.88 -17.98
CA GLY B 73 7.00 -6.26 -17.64
C GLY B 73 5.63 -6.44 -17.02
N PRO B 74 5.28 -7.70 -16.74
CA PRO B 74 3.93 -7.99 -16.26
C PRO B 74 3.70 -7.48 -14.83
N LEU B 75 2.42 -7.26 -14.54
CA LEU B 75 1.98 -6.94 -13.19
C LEU B 75 2.05 -8.19 -12.31
N LYS B 76 1.89 -7.98 -11.01
CA LYS B 76 1.68 -9.06 -10.06
C LYS B 76 0.18 -9.28 -9.88
N VAL B 77 -0.22 -10.55 -9.67
CA VAL B 77 -1.59 -10.80 -9.21
C VAL B 77 -1.79 -10.07 -7.90
N GLY B 78 -2.86 -9.29 -7.80
CA GLY B 78 -3.10 -8.41 -6.68
C GLY B 78 -2.62 -6.99 -6.90
N GLY B 79 -1.89 -6.73 -8.00
CA GLY B 79 -1.38 -5.41 -8.29
C GLY B 79 -2.19 -4.66 -9.34
N SER B 80 -1.70 -3.48 -9.70
CA SER B 80 -2.41 -2.61 -10.63
C SER B 80 -1.45 -1.66 -11.31
N CYS B 81 -1.94 -1.03 -12.38
CA CYS B 81 -1.29 0.13 -12.98
C CYS B 81 -2.35 1.09 -13.48
N VAL B 82 -1.96 2.36 -13.54
CA VAL B 82 -2.81 3.42 -14.08
C VAL B 82 -2.38 3.73 -15.50
N LEU B 83 -3.33 3.62 -16.45
CA LEU B 83 -3.12 3.99 -17.83
C LEU B 83 -4.24 4.94 -18.26
N SER B 84 -4.24 5.35 -19.53
CA SER B 84 -5.27 6.25 -20.00
C SER B 84 -6.64 5.58 -19.95
N GLY B 85 -7.67 6.40 -19.75
CA GLY B 85 -9.04 5.96 -19.89
C GLY B 85 -9.64 6.18 -21.25
N HIS B 86 -8.93 6.75 -22.22
CA HIS B 86 -9.38 6.82 -23.62
C HIS B 86 -10.73 7.53 -23.69
N ASN B 87 -11.74 6.95 -24.32
CA ASN B 87 -13.07 7.54 -24.43
C ASN B 87 -13.99 7.13 -23.29
N LEU B 88 -13.44 6.51 -22.24
CA LEU B 88 -14.23 5.98 -21.13
C LEU B 88 -14.09 6.74 -19.84
N ALA B 89 -12.93 7.35 -19.59
CA ALA B 89 -12.61 7.90 -18.29
C ALA B 89 -11.32 8.70 -18.43
N LYS B 90 -10.99 9.49 -17.41
CA LYS B 90 -9.68 10.11 -17.42
C LYS B 90 -8.59 9.04 -17.39
N HIS B 91 -8.71 8.09 -16.47
CA HIS B 91 -7.76 7.02 -16.27
C HIS B 91 -8.47 5.68 -16.25
N CYS B 92 -7.76 4.64 -16.66
CA CYS B 92 -8.15 3.26 -16.40
C CYS B 92 -7.17 2.68 -15.39
N LEU B 93 -7.71 2.20 -14.26
CA LEU B 93 -6.95 1.46 -13.27
C LEU B 93 -7.07 -0.02 -13.60
N HIS B 94 -6.01 -0.60 -14.14
CA HIS B 94 -5.98 -2.01 -14.49
C HIS B 94 -5.61 -2.80 -13.23
N VAL B 95 -6.56 -3.57 -12.68
CA VAL B 95 -6.34 -4.29 -11.42
C VAL B 95 -6.43 -5.78 -11.69
N VAL B 96 -5.45 -6.53 -11.20
CA VAL B 96 -5.40 -7.97 -11.41
C VAL B 96 -5.92 -8.68 -10.15
N GLY B 97 -7.15 -9.16 -10.20
CA GLY B 97 -7.65 -10.09 -9.19
C GLY B 97 -7.22 -11.50 -9.52
N PRO B 98 -7.23 -12.38 -8.52
CA PRO B 98 -6.93 -13.79 -8.80
C PRO B 98 -7.97 -14.41 -9.70
N ASN B 99 -7.50 -15.24 -10.63
CA ASN B 99 -8.36 -16.00 -11.53
C ASN B 99 -8.48 -17.42 -10.98
N VAL B 100 -9.59 -17.71 -10.32
N VAL B 100 -9.60 -17.71 -10.31
CA VAL B 100 -9.80 -19.06 -9.76
CA VAL B 100 -9.83 -19.04 -9.76
C VAL B 100 -9.86 -20.09 -10.87
C VAL B 100 -9.90 -20.09 -10.86
N ASN B 101 -10.39 -19.72 -12.04
CA ASN B 101 -10.41 -20.65 -13.18
C ASN B 101 -9.00 -21.00 -13.66
N LYS B 102 -8.00 -20.22 -13.26
N LYS B 102 -7.99 -20.22 -13.25
CA LYS B 102 -6.59 -20.53 -13.53
CA LYS B 102 -6.59 -20.54 -13.53
C LYS B 102 -5.87 -21.11 -12.32
C LYS B 102 -5.88 -21.11 -12.32
N GLY B 103 -6.60 -21.39 -11.24
CA GLY B 103 -6.00 -21.97 -10.05
C GLY B 103 -5.33 -20.97 -9.12
N GLU B 104 -5.50 -19.67 -9.36
N GLU B 104 -5.52 -19.67 -9.33
CA GLU B 104 -4.82 -18.67 -8.54
CA GLU B 104 -4.87 -18.67 -8.49
C GLU B 104 -5.52 -18.51 -7.19
C GLU B 104 -5.60 -18.53 -7.16
N ASP B 105 -4.75 -18.06 -6.21
N ASP B 105 -4.86 -18.10 -6.14
CA ASP B 105 -5.20 -18.07 -4.82
CA ASP B 105 -5.34 -18.11 -4.76
C ASP B 105 -6.23 -16.98 -4.58
C ASP B 105 -6.35 -16.98 -4.55
N ILE B 106 -7.46 -17.39 -4.22
N ILE B 106 -7.58 -17.36 -4.17
CA ILE B 106 -8.53 -16.45 -3.94
CA ILE B 106 -8.63 -16.38 -3.90
C ILE B 106 -8.17 -15.50 -2.80
C ILE B 106 -8.25 -15.44 -2.77
N GLN B 107 -7.23 -15.87 -1.94
N GLN B 107 -7.28 -15.83 -1.94
CA GLN B 107 -6.82 -15.00 -0.85
CA GLN B 107 -6.85 -14.96 -0.84
C GLN B 107 -6.24 -13.67 -1.35
C GLN B 107 -6.23 -13.66 -1.34
N LEU B 108 -5.75 -13.62 -2.59
CA LEU B 108 -5.16 -12.40 -3.15
C LEU B 108 -6.18 -11.35 -3.54
N LEU B 109 -7.47 -11.65 -3.38
CA LEU B 109 -8.52 -10.72 -3.73
C LEU B 109 -8.49 -9.48 -2.86
N LYS B 110 -8.17 -9.63 -1.56
CA LYS B 110 -8.10 -8.44 -0.71
C LYS B 110 -7.02 -7.49 -1.18
N SER B 111 -5.82 -8.01 -1.48
CA SER B 111 -4.75 -7.16 -2.01
C SER B 111 -5.20 -6.44 -3.27
N ALA B 112 -5.90 -7.15 -4.16
CA ALA B 112 -6.39 -6.53 -5.39
C ALA B 112 -7.30 -5.34 -5.08
N TYR B 113 -8.25 -5.52 -4.16
CA TYR B 113 -9.15 -4.43 -3.82
C TYR B 113 -8.43 -3.26 -3.14
N GLU B 114 -7.34 -3.52 -2.42
CA GLU B 114 -6.62 -2.43 -1.78
C GLU B 114 -6.16 -1.37 -2.77
N ASN B 115 -5.96 -1.76 -4.04
CA ASN B 115 -5.57 -0.77 -5.04
C ASN B 115 -6.62 0.33 -5.18
N PHE B 116 -7.90 0.01 -4.93
CA PHE B 116 -8.95 1.01 -5.09
C PHE B 116 -8.78 2.16 -4.10
N ASN B 117 -8.13 1.91 -2.95
CA ASN B 117 -8.01 2.94 -1.92
C ASN B 117 -7.07 4.06 -2.32
N GLN B 118 -6.34 3.91 -3.43
CA GLN B 118 -5.49 4.98 -3.94
C GLN B 118 -6.25 6.00 -4.79
N HIS B 119 -7.58 5.86 -4.92
CA HIS B 119 -8.41 6.72 -5.75
C HIS B 119 -9.66 7.10 -4.99
N GLU B 120 -10.00 8.40 -4.97
CA GLU B 120 -11.09 8.84 -4.13
C GLU B 120 -12.45 8.32 -4.61
N VAL B 121 -12.63 8.14 -5.92
CA VAL B 121 -13.88 7.64 -6.48
C VAL B 121 -13.57 6.85 -7.75
N LEU B 122 -14.25 5.70 -7.91
CA LEU B 122 -14.02 4.80 -9.03
C LEU B 122 -15.34 4.20 -9.49
N LEU B 123 -15.43 3.96 -10.81
CA LEU B 123 -16.42 3.08 -11.42
C LEU B 123 -15.74 1.73 -11.63
N ALA B 124 -16.36 0.64 -11.17
CA ALA B 124 -15.63 -0.62 -11.16
C ALA B 124 -16.55 -1.82 -11.36
N PRO B 125 -15.99 -2.92 -11.86
CA PRO B 125 -16.65 -4.23 -11.78
C PRO B 125 -16.23 -4.93 -10.48
N LEU B 126 -16.95 -6.01 -10.16
CA LEU B 126 -16.53 -6.89 -9.08
C LEU B 126 -15.30 -7.69 -9.49
N LEU B 127 -14.21 -7.54 -8.75
CA LEU B 127 -12.97 -8.21 -9.08
C LEU B 127 -13.11 -9.72 -8.90
N SER B 128 -12.43 -10.44 -9.80
CA SER B 128 -12.36 -11.89 -9.81
C SER B 128 -13.69 -12.56 -10.13
N ALA B 129 -14.74 -11.79 -10.46
CA ALA B 129 -16.03 -12.36 -10.81
C ALA B 129 -16.04 -12.80 -12.27
N GLY B 130 -17.16 -13.39 -12.67
CA GLY B 130 -17.36 -13.69 -14.08
C GLY B 130 -16.36 -14.70 -14.57
N ILE B 131 -15.68 -14.36 -15.67
CA ILE B 131 -14.73 -15.28 -16.28
C ILE B 131 -13.54 -15.57 -15.40
N PHE B 132 -13.34 -14.81 -14.33
CA PHE B 132 -12.28 -15.09 -13.37
C PHE B 132 -12.67 -16.15 -12.33
N GLY B 133 -13.96 -16.50 -12.22
CA GLY B 133 -14.38 -17.70 -11.52
C GLY B 133 -14.65 -17.60 -10.03
N ALA B 134 -14.43 -16.45 -9.39
CA ALA B 134 -14.75 -16.36 -7.98
C ALA B 134 -16.25 -16.17 -7.77
N ASP B 135 -16.69 -16.46 -6.54
CA ASP B 135 -18.07 -16.23 -6.16
C ASP B 135 -18.30 -14.73 -6.09
N PRO B 136 -19.20 -14.16 -6.91
CA PRO B 136 -19.40 -12.71 -6.85
C PRO B 136 -19.89 -12.23 -5.49
N ILE B 137 -20.63 -13.07 -4.75
CA ILE B 137 -21.03 -12.70 -3.39
C ILE B 137 -19.80 -12.49 -2.51
N HIS B 138 -18.82 -13.36 -2.64
CA HIS B 138 -17.58 -13.18 -1.90
C HIS B 138 -16.82 -11.95 -2.36
N SER B 139 -16.79 -11.69 -3.67
CA SER B 139 -16.09 -10.51 -4.16
C SER B 139 -16.70 -9.24 -3.60
N LEU B 140 -18.04 -9.19 -3.53
CA LEU B 140 -18.69 -8.03 -2.93
C LEU B 140 -18.33 -7.91 -1.45
N ARG B 141 -18.30 -9.03 -0.73
CA ARG B 141 -17.89 -9.03 0.67
C ARG B 141 -16.50 -8.43 0.85
N VAL B 142 -15.54 -8.92 0.06
CA VAL B 142 -14.18 -8.41 0.19
C VAL B 142 -14.13 -6.94 -0.19
N CYS B 143 -14.86 -6.55 -1.22
CA CYS B 143 -14.92 -5.13 -1.60
C CYS B 143 -15.37 -4.28 -0.42
N VAL B 144 -16.51 -4.63 0.17
CA VAL B 144 -17.04 -3.83 1.27
C VAL B 144 -16.09 -3.80 2.46
N ASP B 145 -15.40 -4.90 2.72
CA ASP B 145 -14.52 -5.02 3.89
C ASP B 145 -13.12 -4.45 3.64
N THR B 146 -12.83 -4.02 2.42
CA THR B 146 -11.49 -3.57 2.06
C THR B 146 -11.44 -2.14 1.52
N VAL B 147 -12.36 -1.79 0.64
CA VAL B 147 -12.36 -0.49 0.01
C VAL B 147 -12.98 0.51 0.97
N ARG B 148 -12.30 1.65 1.15
CA ARG B 148 -12.78 2.75 1.96
C ARG B 148 -13.10 3.99 1.15
N THR B 149 -12.58 4.11 -0.06
CA THR B 149 -12.91 5.19 -0.97
C THR B 149 -14.25 4.88 -1.65
N ASN B 150 -14.74 5.79 -2.47
CA ASN B 150 -16.09 5.68 -3.00
C ASN B 150 -16.08 4.83 -4.27
N VAL B 151 -16.70 3.66 -4.21
CA VAL B 151 -16.69 2.73 -5.32
C VAL B 151 -18.12 2.49 -5.79
N TYR B 152 -18.32 2.68 -7.10
CA TYR B 152 -19.58 2.52 -7.79
C TYR B 152 -19.45 1.27 -8.66
N LEU B 153 -20.14 0.20 -8.25
CA LEU B 153 -20.04 -1.11 -8.89
C LEU B 153 -21.12 -1.25 -9.96
N ALA B 154 -20.71 -1.69 -11.15
CA ALA B 154 -21.61 -1.96 -12.26
C ALA B 154 -21.72 -3.47 -12.42
N VAL B 155 -22.94 -3.98 -12.37
CA VAL B 155 -23.23 -5.40 -12.53
C VAL B 155 -24.16 -5.54 -13.74
N PHE B 156 -23.69 -6.24 -14.78
CA PHE B 156 -24.40 -6.28 -16.05
C PHE B 156 -25.71 -7.08 -15.97
N ASP B 157 -25.67 -8.27 -15.40
CA ASP B 157 -26.83 -9.15 -15.40
C ASP B 157 -27.77 -8.79 -14.26
N LYS B 158 -29.01 -8.40 -14.60
CA LYS B 158 -30.01 -8.07 -13.58
C LYS B 158 -30.19 -9.20 -12.56
N ASN B 159 -30.12 -10.45 -13.01
N ASN B 159 -30.11 -10.45 -13.00
CA ASN B 159 -30.33 -11.57 -12.09
CA ASN B 159 -30.33 -11.56 -12.08
C ASN B 159 -29.19 -11.69 -11.09
C ASN B 159 -29.18 -11.73 -11.11
N LEU B 160 -27.94 -11.43 -11.52
CA LEU B 160 -26.84 -11.44 -10.58
C LEU B 160 -26.91 -10.24 -9.66
N TYR B 161 -27.26 -9.07 -10.21
CA TYR B 161 -27.47 -7.89 -9.37
C TYR B 161 -28.45 -8.20 -8.25
N ASP B 162 -29.60 -8.80 -8.60
CA ASP B 162 -30.61 -9.12 -7.58
C ASP B 162 -30.06 -10.08 -6.53
N LYS B 163 -29.30 -11.09 -6.97
CA LYS B 163 -28.72 -12.02 -6.01
C LYS B 163 -27.74 -11.32 -5.06
N LEU B 164 -26.94 -10.41 -5.60
CA LEU B 164 -25.97 -9.67 -4.79
C LEU B 164 -26.66 -8.76 -3.79
N VAL B 165 -27.64 -7.99 -4.24
CA VAL B 165 -28.33 -7.04 -3.37
C VAL B 165 -29.16 -7.79 -2.32
N SER B 166 -29.94 -8.77 -2.78
CA SER B 166 -30.89 -9.44 -1.89
C SER B 166 -30.17 -10.23 -0.81
N SER B 167 -28.94 -10.69 -1.06
CA SER B 167 -28.19 -11.48 -0.08
C SER B 167 -27.19 -10.66 0.73
N PHE B 168 -26.99 -9.38 0.42
CA PHE B 168 -26.00 -8.59 1.15
C PHE B 168 -26.41 -8.35 2.59
N LEU B 169 -27.71 -8.20 2.82
CA LEU B 169 -28.25 -7.92 4.15
C LEU B 169 -29.63 -8.51 4.36
C1 TFA C . 11.30 5.00 15.87
C2 TFA C . 10.01 5.80 15.55
O TFA C . 11.64 4.21 14.98
F1 TFA C . 8.95 4.97 15.60
F2 TFA C . 9.76 6.79 16.43
F3 TFA C . 10.00 6.37 14.34
OXT TFA C . 11.83 5.25 16.96
N2 A1A94 D . 13.05 4.37 12.79
C3 A1A94 D . 10.44 7.51 14.15
C6 A1A94 D . 10.24 8.35 17.85
C9 A1A94 D . 12.11 8.52 15.78
C12 A1A94 D . 15.56 4.94 11.84
C14 A1A94 D . 15.43 7.22 11.80
C1 A1A94 D . 10.21 5.84 12.28
C10 A1A94 D . 13.40 5.68 12.61
C11 A1A94 D . 13.99 3.43 12.47
C13 A1A94 D . 14.68 6.04 12.12
C15 A1A94 D . 16.68 6.83 11.35
C2 A1A94 D . 11.11 6.28 13.47
C4 A1A94 D . 10.85 7.99 15.52
C5 A1A94 D . 9.92 7.90 16.57
C7 A1A94 D . 11.50 8.87 18.05
C8 A1A94 D . 12.44 8.97 17.05
I1 A1A94 D . 11.95 9.51 19.87
N1 A1A94 D . 12.44 6.64 12.93
N3 A1A94 D . 15.24 3.63 12.00
N4 A1A94 D . 16.75 5.44 11.37
O1 A1A94 D . 8.98 5.52 12.83
H5 A1A94 D . 10.58 8.40 13.49
H6 A1A94 D . 9.35 7.41 14.18
H8 A1A94 D . 9.55 8.29 18.68
H10 A1A94 D . 12.85 8.61 14.98
H13 A1A94 D . 15.10 8.25 11.89
H4 A1A94 D . 10.16 6.65 11.52
H3 A1A94 D . 10.65 4.96 11.73
H12 A1A94 D . 13.71 2.37 12.62
H14 A1A94 D . 17.52 7.43 11.01
H1 A1A94 D . 11.18 5.45 14.22
H7 A1A94 D . 8.92 7.49 16.43
H9 A1A94 D . 13.42 9.39 17.28
H11 A1A94 D . 12.67 7.61 12.79
H15 A1A94 D . 17.54 4.86 11.10
H2 A1A94 D . 8.36 5.42 12.10
O1 A1A93 E . 8.94 5.47 12.60
C1 A1A93 E . 10.20 5.82 12.09
C2 A1A93 E . 10.99 6.69 13.17
C3 A1A93 E . 10.84 6.07 14.63
C4 A1A93 E . 11.02 7.02 15.85
C5 A1A93 E . 12.19 7.77 16.08
C6 A1A93 E . 12.35 8.64 17.19
C7 A1A93 E . 11.29 8.74 18.10
C8 A1A93 E . 10.12 8.04 17.92
C10 A1A93 E . 13.36 5.85 12.50
C11 A1A93 E . 13.92 3.53 12.46
C12 A1A93 E . 15.52 4.98 11.83
C13 A1A93 E . 14.69 6.14 12.03
C14 A1A93 E . 15.53 7.26 11.67
C15 A1A93 E . 16.77 6.78 11.28
C9 A1A93 E . 10.00 7.18 16.80
I1 A1A93 E . 11.46 9.98 19.73
N1 A1A93 E . 12.41 6.87 12.75
N2 A1A93 E . 13.01 4.54 12.71
N3 A1A93 E . 15.20 3.66 12.02
N4 A1A93 E . 16.75 5.40 11.39
H2 A1A93 E . 8.49 4.95 11.95
H3 A1A93 E . 10.09 6.40 11.15
H4 A1A93 E . 10.78 4.91 11.81
H1 A1A93 E . 10.49 7.69 13.23
H6 A1A93 E . 9.84 5.56 14.72
H5 A1A93 E . 11.51 5.21 14.72
H7 A1A93 E . 13.03 7.70 15.36
H8 A1A93 E . 13.28 9.21 17.34
H9 A1A93 E . 9.30 8.12 18.65
H12 A1A93 E . 13.65 2.47 12.63
H13 A1A93 E . 15.31 8.32 11.67
H14 A1A93 E . 17.68 7.24 10.94
H10 A1A93 E . 9.07 6.63 16.68
H11 A1A93 E . 12.72 7.83 12.63
H15 A1A93 E . 17.55 4.77 11.16
CL CL F . 11.92 10.07 12.25
#